data_8IDR
#
_entry.id   8IDR
#
_cell.length_a   81.531
_cell.length_b   81.531
_cell.length_c   221.807
_cell.angle_alpha   90.00
_cell.angle_beta   90.00
_cell.angle_gamma   120.00
#
_symmetry.space_group_name_H-M   'H 3'
#
loop_
_entity.id
_entity.type
_entity.pdbx_description
1 polymer '3-dehydroquinate dehydratase'
2 non-polymer 'CITRATE ANION'
3 non-polymer 'TETRAETHYLENE GLYCOL'
4 water water
#
_entity_poly.entity_id   1
_entity_poly.type   'polypeptide(L)'
_entity_poly.pdbx_seq_one_letter_code
;MPGKILLLNGPNLNMLGKREPDIYGHDTLEDVVALATAEAAKHGLEVEALQSNHEGELIDALHNARGTHIGCVINPGGLT
HTSVALLDAVKASELPTVEVHISNPHAREEFRHHSYISLAAVSVIAGAGIQGYRFAVDILANLKKLEHHHHHH
;
_entity_poly.pdbx_strand_id   A,B,C,D
#
loop_
_chem_comp.id
_chem_comp.type
_chem_comp.name
_chem_comp.formula
FLC non-polymer 'CITRATE ANION' 'C6 H5 O7 -3'
PG4 non-polymer 'TETRAETHYLENE GLYCOL' 'C8 H18 O5'
#
# COMPACT_ATOMS: atom_id res chain seq x y z
N PRO A 2 -19.02 -8.97 22.36
CA PRO A 2 -19.59 -8.80 21.02
C PRO A 2 -18.59 -9.04 19.87
N GLY A 3 -19.11 -9.15 18.65
CA GLY A 3 -18.20 -9.30 17.50
C GLY A 3 -17.27 -8.10 17.41
N LYS A 4 -16.10 -8.29 16.80
CA LYS A 4 -15.11 -7.18 16.71
C LYS A 4 -14.67 -6.95 15.27
N ILE A 5 -14.57 -5.70 14.89
CA ILE A 5 -14.05 -5.33 13.55
C ILE A 5 -12.62 -4.79 13.72
N LEU A 6 -11.71 -5.25 12.88
CA LEU A 6 -10.33 -4.72 12.88
C LEU A 6 -10.28 -3.51 11.96
N LEU A 7 -9.94 -2.34 12.53
CA LEU A 7 -9.79 -1.12 11.71
C LEU A 7 -8.30 -0.83 11.60
N LEU A 8 -7.78 -0.95 10.38
CA LEU A 8 -6.33 -0.73 10.14
C LEU A 8 -6.12 0.51 9.28
N ASN A 9 -5.27 1.42 9.74
CA ASN A 9 -4.88 2.60 8.93
C ASN A 9 -3.38 2.51 8.71
N GLY A 10 -2.97 2.65 7.46
CA GLY A 10 -1.55 2.49 7.15
C GLY A 10 -0.77 3.78 7.28
N PRO A 11 0.42 3.85 6.66
CA PRO A 11 1.29 5.00 6.81
C PRO A 11 0.68 6.38 6.54
N ASN A 12 1.09 7.35 7.37
CA ASN A 12 0.68 8.77 7.17
C ASN A 12 -0.73 9.11 7.66
N LEU A 13 -1.55 8.11 7.97
CA LEU A 13 -2.96 8.44 8.33
C LEU A 13 -3.03 8.99 9.77
N ASN A 14 -1.97 8.82 10.54
CA ASN A 14 -1.90 9.46 11.87
C ASN A 14 -1.85 10.98 11.70
N MET A 15 -1.50 11.44 10.50
CA MET A 15 -1.31 12.89 10.27
C MET A 15 -2.59 13.54 9.71
N LEU A 16 -3.68 12.79 9.64
CA LEU A 16 -4.96 13.36 9.17
C LEU A 16 -5.29 14.61 10.00
N GLY A 17 -5.79 15.65 9.34
CA GLY A 17 -6.09 16.93 10.01
C GLY A 17 -5.12 17.99 9.50
N LYS A 18 -3.83 17.71 9.63
CA LYS A 18 -2.80 18.64 9.16
C LYS A 18 -2.27 18.22 7.79
N ARG A 19 -2.40 16.92 7.46
CA ARG A 19 -1.82 16.44 6.18
C ARG A 19 -2.65 16.95 5.00
N GLU A 20 -1.99 17.61 4.05
CA GLU A 20 -2.63 18.09 2.79
C GLU A 20 -4.16 18.15 2.90
N PRO A 21 -4.70 19.11 3.68
CA PRO A 21 -6.14 19.19 3.89
C PRO A 21 -6.98 19.35 2.61
N ASP A 22 -6.41 19.98 1.58
CA ASP A 22 -7.18 20.22 0.33
C ASP A 22 -7.48 18.87 -0.31
N ILE A 23 -6.74 17.85 0.11
CA ILE A 23 -6.91 16.48 -0.47
C ILE A 23 -7.58 15.58 0.56
N TYR A 24 -7.14 15.62 1.82
CA TYR A 24 -7.61 14.64 2.83
C TYR A 24 -8.66 15.22 3.80
N GLY A 25 -8.86 16.53 3.77
CA GLY A 25 -9.80 17.16 4.71
C GLY A 25 -9.18 17.50 6.07
N HIS A 26 -10.02 17.83 7.06
CA HIS A 26 -9.55 18.26 8.40
C HIS A 26 -9.95 17.27 9.49
N ASP A 27 -10.58 16.16 9.08
CA ASP A 27 -10.94 15.11 10.06
C ASP A 27 -9.66 14.40 10.50
N THR A 28 -9.59 14.03 11.77
CA THR A 28 -8.40 13.36 12.34
C THR A 28 -8.56 11.82 12.41
N LEU A 29 -7.45 11.13 12.67
CA LEU A 29 -7.54 9.65 12.86
C LEU A 29 -8.49 9.37 14.04
N GLU A 30 -8.44 10.17 15.09
CA GLU A 30 -9.37 10.01 16.24
C GLU A 30 -10.81 10.06 15.73
N ASP A 31 -11.10 10.99 14.83
CA ASP A 31 -12.46 11.12 14.23
C ASP A 31 -12.80 9.85 13.44
N VAL A 32 -11.84 9.37 12.67
CA VAL A 32 -12.05 8.12 11.88
C VAL A 32 -12.44 6.99 12.85
N VAL A 33 -11.64 6.82 13.88
CA VAL A 33 -11.87 5.69 14.83
C VAL A 33 -13.22 5.88 15.55
N ALA A 34 -13.51 7.12 15.95
CA ALA A 34 -14.78 7.43 16.64
C ALA A 34 -15.99 7.09 15.75
N LEU A 35 -15.95 7.49 14.48
CA LEU A 35 -17.09 7.25 13.56
C LEU A 35 -17.28 5.74 13.32
N ALA A 36 -16.17 5.01 13.07
CA ALA A 36 -16.26 3.56 12.86
C ALA A 36 -16.80 2.92 14.13
N THR A 37 -16.32 3.38 15.27
CA THR A 37 -16.72 2.81 16.58
C THR A 37 -18.22 3.05 16.82
N ALA A 38 -18.71 4.24 16.51
CA ALA A 38 -20.15 4.56 16.66
C ALA A 38 -21.03 3.70 15.75
N GLU A 39 -20.58 3.52 14.50
CA GLU A 39 -21.36 2.71 13.55
C GLU A 39 -21.40 1.25 14.00
N ALA A 40 -20.26 0.73 14.47
CA ALA A 40 -20.18 -0.68 14.91
C ALA A 40 -21.13 -0.90 16.10
N ALA A 41 -21.17 0.08 17.00
CA ALA A 41 -22.03 -0.02 18.19
C ALA A 41 -23.49 -0.16 17.79
N LYS A 42 -23.89 0.48 16.69
CA LYS A 42 -25.30 0.39 16.20
C LYS A 42 -25.62 -1.07 15.92
N HIS A 43 -24.63 -1.86 15.54
CA HIS A 43 -24.82 -3.29 15.19
C HIS A 43 -24.43 -4.19 16.37
N GLY A 44 -24.21 -3.60 17.54
CA GLY A 44 -23.78 -4.40 18.71
C GLY A 44 -22.37 -4.94 18.54
N LEU A 45 -21.53 -4.18 17.82
CA LEU A 45 -20.15 -4.65 17.52
C LEU A 45 -19.12 -3.69 18.10
N GLU A 46 -17.89 -4.18 18.25
CA GLU A 46 -16.79 -3.34 18.76
C GLU A 46 -15.76 -3.13 17.65
N VAL A 47 -14.88 -2.17 17.86
CA VAL A 47 -13.78 -1.87 16.89
C VAL A 47 -12.45 -1.94 17.62
N GLU A 48 -11.51 -2.69 17.05
CA GLU A 48 -10.09 -2.68 17.49
C GLU A 48 -9.29 -1.96 16.41
N ALA A 49 -8.88 -0.73 16.68
CA ALA A 49 -8.21 0.17 15.72
C ALA A 49 -6.71 0.14 15.93
N LEU A 50 -5.97 0.14 14.82
CA LEU A 50 -4.50 0.23 14.82
C LEU A 50 -4.13 1.08 13.62
N GLN A 51 -3.32 2.13 13.83
CA GLN A 51 -2.61 2.81 12.72
C GLN A 51 -1.11 2.57 12.91
N SER A 52 -0.39 2.36 11.80
CA SER A 52 1.08 2.22 11.85
C SER A 52 1.70 2.75 10.57
N ASN A 53 2.93 3.23 10.69
CA ASN A 53 3.77 3.63 9.53
C ASN A 53 4.62 2.44 9.12
N HIS A 54 4.46 1.29 9.79
CA HIS A 54 5.30 0.09 9.59
C HIS A 54 4.48 -1.05 8.95
N GLU A 55 4.79 -1.41 7.72
CA GLU A 55 4.06 -2.48 6.98
C GLU A 55 4.02 -3.74 7.86
N GLY A 56 5.11 -4.11 8.49
CA GLY A 56 5.14 -5.35 9.30
C GLY A 56 4.16 -5.37 10.48
N GLU A 57 3.88 -4.22 11.08
CA GLU A 57 2.91 -4.10 12.22
C GLU A 57 1.49 -4.37 11.68
N LEU A 58 1.16 -3.84 10.50
CA LEU A 58 -0.15 -4.13 9.87
C LEU A 58 -0.28 -5.64 9.61
N ILE A 59 0.77 -6.26 9.07
CA ILE A 59 0.80 -7.71 8.76
C ILE A 59 0.64 -8.49 10.06
N ASP A 60 1.43 -8.17 11.07
CA ASP A 60 1.32 -8.85 12.38
C ASP A 60 -0.12 -8.75 12.89
N ALA A 61 -0.75 -7.58 12.81
CA ALA A 61 -2.13 -7.31 13.29
C ALA A 61 -3.10 -8.21 12.52
N LEU A 62 -2.89 -8.33 11.21
CA LEU A 62 -3.83 -9.14 10.40
C LEU A 62 -3.75 -10.59 10.87
N HIS A 63 -2.54 -11.11 11.06
CA HIS A 63 -2.33 -12.52 11.43
C HIS A 63 -3.02 -12.73 12.78
N ASN A 64 -2.84 -11.78 13.68
CA ASN A 64 -3.24 -11.92 15.10
C ASN A 64 -4.74 -11.71 15.22
N ALA A 65 -5.38 -11.14 14.21
CA ALA A 65 -6.85 -10.94 14.20
C ALA A 65 -7.57 -12.12 13.55
N ARG A 66 -6.83 -13.06 12.94
CA ARG A 66 -7.47 -14.22 12.29
C ARG A 66 -8.36 -14.93 13.34
N GLY A 67 -9.62 -15.19 13.02
CA GLY A 67 -10.50 -16.04 13.82
C GLY A 67 -11.06 -15.36 15.05
N THR A 68 -10.78 -14.08 15.31
CA THR A 68 -11.28 -13.40 16.54
C THR A 68 -12.03 -12.10 16.18
N HIS A 69 -12.02 -11.75 14.89
CA HIS A 69 -12.59 -10.52 14.31
C HIS A 69 -13.51 -10.93 13.17
N ILE A 70 -14.60 -10.20 12.98
CA ILE A 70 -15.64 -10.56 11.97
C ILE A 70 -15.19 -10.08 10.59
N GLY A 71 -14.19 -9.20 10.55
CA GLY A 71 -13.76 -8.55 9.30
C GLY A 71 -12.76 -7.44 9.56
N CYS A 72 -12.25 -6.87 8.47
CA CYS A 72 -11.23 -5.82 8.55
C CYS A 72 -11.68 -4.64 7.67
N VAL A 73 -11.55 -3.43 8.20
CA VAL A 73 -11.64 -2.18 7.41
C VAL A 73 -10.20 -1.68 7.29
N ILE A 74 -9.69 -1.54 6.06
CA ILE A 74 -8.28 -1.12 5.88
C ILE A 74 -8.20 0.06 4.90
N ASN A 75 -7.53 1.10 5.33
CA ASN A 75 -6.94 2.15 4.47
C ASN A 75 -5.43 1.93 4.47
N PRO A 76 -4.84 1.24 3.46
CA PRO A 76 -3.40 0.94 3.46
C PRO A 76 -2.49 2.14 3.20
N GLY A 77 -3.07 3.30 2.89
CA GLY A 77 -2.29 4.47 2.46
C GLY A 77 -1.39 4.13 1.29
N GLY A 78 -0.18 4.73 1.22
CA GLY A 78 0.78 4.43 0.13
C GLY A 78 1.01 2.95 -0.14
N LEU A 79 0.92 2.10 0.88
CA LEU A 79 1.20 0.65 0.71
C LEU A 79 0.18 0.04 -0.25
N THR A 80 -0.98 0.68 -0.43
CA THR A 80 -2.01 0.20 -1.38
C THR A 80 -1.39 -0.22 -2.70
N HIS A 81 -0.54 0.63 -3.23
CA HIS A 81 -0.08 0.53 -4.64
C HIS A 81 1.18 -0.34 -4.71
N THR A 82 1.79 -0.73 -3.59
CA THR A 82 3.20 -1.19 -3.59
C THR A 82 3.37 -2.55 -2.92
N SER A 83 2.52 -2.91 -1.96
CA SER A 83 2.77 -4.06 -1.05
C SER A 83 2.04 -5.36 -1.48
N VAL A 84 2.78 -6.31 -2.05
CA VAL A 84 2.29 -7.71 -2.24
C VAL A 84 2.19 -8.37 -0.86
N ALA A 85 3.16 -8.11 0.02
CA ALA A 85 3.22 -8.73 1.38
C ALA A 85 1.90 -8.39 2.10
N LEU A 86 1.42 -7.17 2.00
CA LEU A 86 0.19 -6.77 2.74
C LEU A 86 -1.03 -7.46 2.14
N LEU A 87 -1.12 -7.56 0.82
CA LEU A 87 -2.20 -8.33 0.17
C LEU A 87 -2.17 -9.77 0.73
N ASP A 88 -1.01 -10.39 0.74
CA ASP A 88 -0.84 -11.80 1.18
C ASP A 88 -1.27 -11.91 2.65
N ALA A 89 -1.07 -10.88 3.44
CA ALA A 89 -1.48 -10.88 4.89
C ALA A 89 -3.00 -10.78 5.00
N VAL A 90 -3.64 -9.90 4.23
CA VAL A 90 -5.13 -9.82 4.15
C VAL A 90 -5.67 -11.21 3.79
N LYS A 91 -5.15 -11.81 2.73
CA LYS A 91 -5.60 -13.17 2.34
C LYS A 91 -5.39 -14.16 3.49
N ALA A 92 -4.23 -14.19 4.13
CA ALA A 92 -3.90 -15.20 5.18
C ALA A 92 -4.80 -14.99 6.41
N SER A 93 -5.21 -13.77 6.69
CA SER A 93 -6.09 -13.46 7.84
C SER A 93 -7.47 -14.11 7.64
N GLU A 94 -7.89 -14.39 6.41
CA GLU A 94 -9.26 -14.84 6.06
C GLU A 94 -10.34 -13.86 6.53
N LEU A 95 -10.01 -12.61 6.90
CA LEU A 95 -11.02 -11.60 7.27
C LEU A 95 -11.65 -11.04 6.01
N PRO A 96 -12.98 -11.04 5.92
CA PRO A 96 -13.69 -10.25 4.92
C PRO A 96 -13.15 -8.82 5.03
N THR A 97 -12.67 -8.24 3.96
CA THR A 97 -11.91 -6.98 4.07
C THR A 97 -12.51 -5.91 3.18
N VAL A 98 -12.79 -4.76 3.78
CA VAL A 98 -13.26 -3.58 3.01
C VAL A 98 -12.11 -2.58 2.94
N GLU A 99 -11.76 -2.19 1.74
CA GLU A 99 -10.67 -1.24 1.45
C GLU A 99 -11.30 0.14 1.37
N VAL A 100 -10.75 1.10 2.12
CA VAL A 100 -11.25 2.47 2.24
C VAL A 100 -10.12 3.45 1.86
N HIS A 101 -10.44 4.44 1.05
CA HIS A 101 -9.54 5.57 0.76
C HIS A 101 -10.35 6.84 1.00
N ILE A 102 -9.71 7.83 1.62
CA ILE A 102 -10.33 9.13 1.91
C ILE A 102 -10.46 9.93 0.61
N SER A 103 -9.35 10.08 -0.11
CA SER A 103 -9.29 10.70 -1.46
C SER A 103 -9.74 9.68 -2.49
N ASN A 104 -9.95 10.13 -3.72
CA ASN A 104 -10.30 9.27 -4.86
C ASN A 104 -9.01 9.06 -5.62
N PRO A 105 -8.33 7.89 -5.48
CA PRO A 105 -6.96 7.76 -6.02
C PRO A 105 -6.95 7.76 -7.55
N HIS A 106 -8.07 7.38 -8.16
CA HIS A 106 -8.20 7.26 -9.63
C HIS A 106 -8.39 8.67 -10.24
N ALA A 107 -8.56 9.71 -9.42
CA ALA A 107 -8.60 11.12 -9.84
C ALA A 107 -7.24 11.77 -9.57
N ARG A 108 -6.26 10.98 -9.15
CA ARG A 108 -4.96 11.51 -8.67
C ARG A 108 -3.86 10.94 -9.55
N GLU A 109 -2.60 10.89 -9.06
CA GLU A 109 -1.45 10.44 -9.89
C GLU A 109 -1.67 9.03 -10.41
N GLU A 110 -1.06 8.73 -11.56
CA GLU A 110 -1.23 7.39 -12.18
C GLU A 110 -0.65 6.31 -11.25
N PHE A 111 0.38 6.63 -10.45
CA PHE A 111 0.98 5.58 -9.56
C PHE A 111 -0.03 5.16 -8.47
N ARG A 112 -1.12 5.90 -8.28
CA ARG A 112 -2.15 5.56 -7.26
C ARG A 112 -3.29 4.75 -7.89
N HIS A 113 -3.22 4.43 -9.18
CA HIS A 113 -4.36 3.82 -9.91
C HIS A 113 -4.40 2.32 -9.63
N HIS A 114 -3.27 1.70 -9.25
CA HIS A 114 -3.24 0.23 -8.99
C HIS A 114 -3.40 -0.01 -7.49
N SER A 115 -4.18 -1.01 -7.14
CA SER A 115 -4.33 -1.41 -5.72
C SER A 115 -4.13 -2.91 -5.64
N TYR A 116 -3.07 -3.37 -4.95
CA TYR A 116 -2.95 -4.79 -4.56
C TYR A 116 -4.14 -5.24 -3.70
N ILE A 117 -4.55 -4.41 -2.75
CA ILE A 117 -5.58 -4.82 -1.75
C ILE A 117 -6.92 -5.07 -2.44
N SER A 118 -7.20 -4.37 -3.55
CA SER A 118 -8.48 -4.49 -4.28
C SER A 118 -8.61 -5.91 -4.84
N LEU A 119 -7.51 -6.63 -5.01
CA LEU A 119 -7.56 -8.02 -5.52
C LEU A 119 -8.19 -8.96 -4.50
N ALA A 120 -8.16 -8.62 -3.21
CA ALA A 120 -8.69 -9.52 -2.15
C ALA A 120 -9.85 -8.88 -1.39
N ALA A 121 -10.02 -7.56 -1.45
CA ALA A 121 -11.08 -6.86 -0.71
C ALA A 121 -12.46 -7.29 -1.26
N VAL A 122 -13.44 -7.45 -0.40
CA VAL A 122 -14.85 -7.73 -0.82
C VAL A 122 -15.41 -6.47 -1.46
N SER A 123 -15.02 -5.30 -0.92
CA SER A 123 -15.52 -4.00 -1.37
C SER A 123 -14.40 -2.96 -1.26
N VAL A 124 -14.52 -1.90 -2.05
CA VAL A 124 -13.60 -0.75 -2.07
C VAL A 124 -14.44 0.52 -2.11
N ILE A 125 -14.20 1.43 -1.18
CA ILE A 125 -14.86 2.73 -1.08
C ILE A 125 -13.75 3.79 -1.15
N ALA A 126 -13.89 4.75 -2.04
CA ALA A 126 -12.93 5.84 -2.20
C ALA A 126 -13.66 7.18 -2.31
N GLY A 127 -13.07 8.23 -1.73
CA GLY A 127 -13.43 9.63 -2.02
C GLY A 127 -14.63 10.08 -1.20
N ALA A 128 -15.04 9.32 -0.19
CA ALA A 128 -16.20 9.69 0.66
C ALA A 128 -15.73 10.31 1.98
N GLY A 129 -14.58 10.99 1.96
CA GLY A 129 -13.95 11.51 3.18
C GLY A 129 -13.89 10.40 4.20
N ILE A 130 -14.19 10.68 5.46
CA ILE A 130 -14.03 9.61 6.49
C ILE A 130 -15.32 8.80 6.53
N GLN A 131 -16.34 9.17 5.77
CA GLN A 131 -17.62 8.44 5.79
C GLN A 131 -17.38 7.07 5.18
N GLY A 132 -16.36 6.90 4.34
CA GLY A 132 -16.04 5.56 3.81
C GLY A 132 -15.90 4.51 4.90
N TYR A 133 -15.34 4.89 6.05
CA TYR A 133 -15.12 3.94 7.18
C TYR A 133 -16.46 3.52 7.80
N ARG A 134 -17.41 4.45 7.87
CA ARG A 134 -18.79 4.21 8.36
C ARG A 134 -19.49 3.21 7.44
N PHE A 135 -19.43 3.41 6.13
CA PHE A 135 -20.05 2.47 5.15
C PHE A 135 -19.35 1.10 5.25
N ALA A 136 -18.02 1.10 5.43
CA ALA A 136 -17.24 -0.15 5.52
C ALA A 136 -17.73 -0.97 6.71
N VAL A 137 -17.94 -0.32 7.82
CA VAL A 137 -18.44 -1.05 9.04
C VAL A 137 -19.83 -1.63 8.73
N ASP A 138 -20.68 -0.82 8.12
CA ASP A 138 -22.04 -1.24 7.67
C ASP A 138 -21.91 -2.51 6.79
N ILE A 139 -21.03 -2.51 5.79
CA ILE A 139 -20.83 -3.70 4.94
C ILE A 139 -20.50 -4.91 5.81
N LEU A 140 -19.53 -4.78 6.71
CA LEU A 140 -19.07 -5.97 7.48
C LEU A 140 -20.14 -6.46 8.46
N ALA A 141 -20.87 -5.56 9.13
CA ALA A 141 -21.95 -5.92 10.07
C ALA A 141 -23.02 -6.73 9.33
N ASN A 142 -23.34 -6.35 8.10
CA ASN A 142 -24.44 -6.97 7.30
C ASN A 142 -23.93 -8.27 6.63
N LEU A 143 -22.65 -8.35 6.28
CA LEU A 143 -22.09 -9.61 5.73
C LEU A 143 -22.20 -10.69 6.81
N LYS A 144 -21.74 -10.36 8.02
CA LYS A 144 -21.74 -11.26 9.21
C LYS A 144 -23.17 -11.72 9.51
N LYS A 145 -24.17 -10.82 9.48
CA LYS A 145 -25.61 -11.16 9.74
C LYS A 145 -26.07 -12.27 8.78
N LEU A 146 -25.70 -12.22 7.49
CA LEU A 146 -26.11 -13.23 6.47
C LEU A 146 -25.31 -14.53 6.66
N GLU A 147 -23.99 -14.44 6.91
CA GLU A 147 -23.07 -15.59 7.14
C GLU A 147 -22.72 -15.69 8.63
N GLY B 3 30.42 -23.74 11.08
CA GLY B 3 29.94 -22.95 9.93
C GLY B 3 28.44 -22.68 10.04
N LYS B 4 28.01 -21.44 9.79
CA LYS B 4 26.57 -21.12 10.01
C LYS B 4 25.90 -20.57 8.76
N ILE B 5 24.68 -21.04 8.51
CA ILE B 5 23.86 -20.52 7.39
C ILE B 5 22.76 -19.62 7.96
N LEU B 6 22.55 -18.46 7.33
CA LEU B 6 21.41 -17.60 7.75
C LEU B 6 20.16 -18.05 6.99
N LEU B 7 19.15 -18.53 7.70
CA LEU B 7 17.85 -18.91 7.07
C LEU B 7 16.87 -17.78 7.34
N LEU B 8 16.49 -17.09 6.28
CA LEU B 8 15.54 -15.97 6.43
C LEU B 8 14.20 -16.30 5.76
N ASN B 9 13.12 -16.12 6.50
CA ASN B 9 11.76 -16.29 5.93
C ASN B 9 11.05 -14.95 6.05
N GLY B 10 10.49 -14.47 4.95
CA GLY B 10 9.86 -13.16 4.95
C GLY B 10 8.40 -13.15 5.34
N PRO B 11 7.69 -12.05 4.99
CA PRO B 11 6.32 -11.87 5.42
C PRO B 11 5.38 -13.04 5.11
N ASN B 12 4.53 -13.37 6.08
CA ASN B 12 3.43 -14.38 5.91
C ASN B 12 3.92 -15.83 6.04
N LEU B 13 5.22 -16.05 6.05
CA LEU B 13 5.74 -17.45 6.10
C LEU B 13 5.42 -18.05 7.49
N ASN B 14 5.17 -17.19 8.46
CA ASN B 14 4.76 -17.68 9.81
C ASN B 14 3.41 -18.40 9.73
N MET B 15 2.63 -18.14 8.67
CA MET B 15 1.25 -18.70 8.55
C MET B 15 1.26 -20.06 7.84
N LEU B 16 2.43 -20.54 7.43
CA LEU B 16 2.53 -21.87 6.79
C LEU B 16 1.81 -22.91 7.65
N GLY B 17 0.90 -23.69 7.05
CA GLY B 17 0.26 -24.79 7.80
C GLY B 17 -0.80 -24.34 8.78
N LYS B 18 -1.07 -23.05 8.89
CA LYS B 18 -2.02 -22.54 9.93
C LYS B 18 -3.45 -22.44 9.39
N ARG B 19 -3.62 -22.16 8.10
CA ARG B 19 -4.97 -22.19 7.49
C ARG B 19 -5.31 -23.67 7.24
N GLU B 20 -6.54 -23.96 6.86
CA GLU B 20 -6.97 -25.36 6.63
C GLU B 20 -5.87 -26.06 5.84
N PRO B 21 -5.11 -26.98 6.46
CA PRO B 21 -3.95 -27.57 5.80
C PRO B 21 -4.27 -28.45 4.58
N ASP B 22 -5.48 -29.01 4.53
CA ASP B 22 -5.87 -29.85 3.37
C ASP B 22 -5.96 -28.97 2.12
N ILE B 23 -6.19 -27.68 2.30
CA ILE B 23 -6.28 -26.75 1.15
C ILE B 23 -4.99 -25.93 1.03
N TYR B 24 -4.48 -25.43 2.16
CA TYR B 24 -3.33 -24.47 2.10
C TYR B 24 -1.98 -25.10 2.49
N GLY B 25 -1.93 -26.38 2.82
CA GLY B 25 -0.65 -27.05 3.12
C GLY B 25 -0.51 -27.44 4.57
N HIS B 26 0.11 -28.59 4.83
CA HIS B 26 0.35 -29.07 6.22
C HIS B 26 1.70 -28.58 6.74
N ASP B 27 2.65 -28.36 5.83
CA ASP B 27 4.01 -27.97 6.26
C ASP B 27 3.99 -26.65 7.04
N THR B 28 4.79 -26.58 8.10
CA THR B 28 4.85 -25.38 8.96
C THR B 28 6.22 -24.71 8.86
N LEU B 29 6.34 -23.49 9.38
CA LEU B 29 7.66 -22.82 9.44
C LEU B 29 8.64 -23.71 10.23
N GLU B 30 8.17 -24.29 11.33
CA GLU B 30 9.04 -25.19 12.14
C GLU B 30 9.56 -26.33 11.26
N ASP B 31 8.69 -26.86 10.40
CA ASP B 31 9.10 -27.94 9.46
C ASP B 31 10.23 -27.44 8.55
N VAL B 32 10.08 -26.21 8.06
CA VAL B 32 11.11 -25.60 7.17
C VAL B 32 12.43 -25.53 7.93
N VAL B 33 12.39 -24.96 9.14
CA VAL B 33 13.65 -24.77 9.92
C VAL B 33 14.29 -26.13 10.23
N ALA B 34 13.48 -27.10 10.64
CA ALA B 34 14.01 -28.43 11.00
C ALA B 34 14.68 -29.06 9.77
N LEU B 35 14.04 -28.95 8.61
CA LEU B 35 14.58 -29.61 7.40
C LEU B 35 15.91 -28.97 7.02
N ALA B 36 15.95 -27.64 7.01
CA ALA B 36 17.20 -26.92 6.66
C ALA B 36 18.27 -27.27 7.69
N THR B 37 17.89 -27.26 8.97
CA THR B 37 18.84 -27.58 10.06
C THR B 37 19.40 -29.00 9.90
N ALA B 38 18.56 -29.98 9.60
CA ALA B 38 19.03 -31.38 9.46
C ALA B 38 19.96 -31.51 8.26
N GLU B 39 19.65 -30.82 7.18
CA GLU B 39 20.55 -30.87 5.99
C GLU B 39 21.88 -30.23 6.35
N ALA B 40 21.83 -29.09 7.06
CA ALA B 40 23.07 -28.39 7.43
C ALA B 40 23.93 -29.31 8.30
N ALA B 41 23.29 -30.03 9.21
CA ALA B 41 24.02 -30.94 10.13
C ALA B 41 24.78 -32.01 9.34
N LYS B 42 24.21 -32.50 8.24
CA LYS B 42 24.89 -33.49 7.38
C LYS B 42 26.24 -32.94 6.89
N HIS B 43 26.37 -31.62 6.83
CA HIS B 43 27.62 -30.99 6.30
C HIS B 43 28.45 -30.37 7.44
N GLY B 44 28.13 -30.68 8.69
CA GLY B 44 28.84 -30.11 9.85
C GLY B 44 28.54 -28.63 10.02
N LEU B 45 27.39 -28.20 9.52
CA LEU B 45 27.04 -26.76 9.59
C LEU B 45 25.84 -26.54 10.49
N GLU B 46 25.66 -25.31 10.94
CA GLU B 46 24.51 -24.93 11.78
C GLU B 46 23.63 -23.93 11.03
N VAL B 47 22.42 -23.71 11.54
CA VAL B 47 21.49 -22.76 10.90
C VAL B 47 21.01 -21.72 11.90
N GLU B 48 21.08 -20.44 11.53
CA GLU B 48 20.47 -19.39 12.36
C GLU B 48 19.22 -18.98 11.59
N ALA B 49 18.05 -19.23 12.15
CA ALA B 49 16.78 -18.97 11.44
C ALA B 49 16.06 -17.74 11.97
N LEU B 50 15.54 -16.93 11.06
CA LEU B 50 14.72 -15.76 11.46
C LEU B 50 13.54 -15.65 10.49
N GLN B 51 12.34 -15.45 11.03
CA GLN B 51 11.17 -15.16 10.17
C GLN B 51 10.63 -13.82 10.64
N SER B 52 10.33 -12.93 9.69
CA SER B 52 9.77 -11.63 10.08
C SER B 52 8.83 -11.07 9.01
N ASN B 53 7.80 -10.36 9.46
CA ASN B 53 6.88 -9.67 8.53
C ASN B 53 7.42 -8.26 8.31
N HIS B 54 8.58 -7.98 8.91
CA HIS B 54 9.23 -6.64 8.79
C HIS B 54 10.48 -6.68 7.88
N GLU B 55 10.44 -5.98 6.76
CA GLU B 55 11.58 -5.93 5.81
C GLU B 55 12.86 -5.49 6.52
N GLY B 56 12.74 -4.52 7.42
CA GLY B 56 13.93 -4.00 8.15
C GLY B 56 14.61 -5.06 8.99
N GLU B 57 13.84 -5.97 9.58
CA GLU B 57 14.44 -7.00 10.45
C GLU B 57 15.26 -7.98 9.58
N LEU B 58 14.78 -8.24 8.37
CA LEU B 58 15.54 -9.11 7.44
C LEU B 58 16.83 -8.41 7.01
N ILE B 59 16.73 -7.12 6.67
CA ILE B 59 17.92 -6.35 6.22
C ILE B 59 18.93 -6.32 7.37
N ASP B 60 18.46 -5.96 8.56
CA ASP B 60 19.36 -5.90 9.74
C ASP B 60 20.07 -7.26 9.88
N ALA B 61 19.33 -8.34 9.74
CA ALA B 61 19.89 -9.70 9.89
C ALA B 61 20.97 -9.95 8.84
N LEU B 62 20.68 -9.58 7.60
CA LEU B 62 21.66 -9.79 6.52
C LEU B 62 22.94 -9.02 6.85
N HIS B 63 22.77 -7.76 7.25
CA HIS B 63 23.93 -6.91 7.59
C HIS B 63 24.75 -7.52 8.72
N ASN B 64 24.07 -7.95 9.76
CA ASN B 64 24.73 -8.50 10.97
C ASN B 64 25.42 -9.85 10.68
N ALA B 65 25.08 -10.51 9.58
CA ALA B 65 25.62 -11.84 9.27
C ALA B 65 26.83 -11.72 8.33
N ARG B 66 27.14 -10.50 7.91
CA ARG B 66 28.31 -10.26 7.05
C ARG B 66 29.58 -10.79 7.72
N GLY B 67 30.25 -11.71 7.05
CA GLY B 67 31.53 -12.25 7.57
C GLY B 67 31.35 -13.38 8.56
N THR B 68 30.17 -13.51 9.15
CA THR B 68 29.96 -14.51 10.24
C THR B 68 29.25 -15.78 9.73
N HIS B 69 28.65 -15.70 8.54
CA HIS B 69 27.86 -16.83 8.01
C HIS B 69 28.42 -17.25 6.65
N ILE B 70 28.18 -18.51 6.26
CA ILE B 70 28.79 -19.03 5.01
C ILE B 70 27.86 -18.66 3.85
N GLY B 71 26.63 -18.26 4.17
CA GLY B 71 25.62 -18.02 3.14
C GLY B 71 24.27 -17.75 3.72
N CYS B 72 23.33 -17.37 2.87
CA CYS B 72 21.95 -17.06 3.25
C CYS B 72 20.98 -17.84 2.35
N VAL B 73 20.04 -18.53 2.98
CA VAL B 73 18.83 -19.08 2.28
C VAL B 73 17.69 -18.12 2.60
N ILE B 74 17.10 -17.55 1.55
CA ILE B 74 16.02 -16.56 1.79
C ILE B 74 14.79 -16.90 0.97
N ASN B 75 13.66 -16.97 1.66
CA ASN B 75 12.31 -16.92 1.04
C ASN B 75 11.74 -15.56 1.39
N PRO B 76 11.80 -14.58 0.46
CA PRO B 76 11.40 -13.23 0.84
C PRO B 76 9.88 -12.98 0.90
N GLY B 77 9.07 -13.96 0.51
CA GLY B 77 7.61 -13.78 0.36
C GLY B 77 7.29 -12.68 -0.62
N GLY B 78 6.23 -11.91 -0.36
CA GLY B 78 5.81 -10.87 -1.31
C GLY B 78 6.85 -9.78 -1.49
N LEU B 79 7.86 -9.67 -0.61
CA LEU B 79 8.94 -8.69 -0.82
C LEU B 79 9.78 -9.06 -2.05
N THR B 80 9.77 -10.33 -2.49
CA THR B 80 10.45 -10.79 -3.71
C THR B 80 10.27 -9.77 -4.83
N HIS B 81 9.04 -9.31 -5.03
CA HIS B 81 8.60 -8.68 -6.31
C HIS B 81 8.79 -7.17 -6.18
N THR B 82 8.98 -6.70 -4.95
CA THR B 82 8.78 -5.26 -4.65
C THR B 82 10.02 -4.56 -4.09
N SER B 83 10.87 -5.28 -3.36
CA SER B 83 11.86 -4.58 -2.49
C SER B 83 13.23 -4.47 -3.17
N VAL B 84 13.57 -3.27 -3.66
CA VAL B 84 14.96 -2.93 -4.02
C VAL B 84 15.83 -2.90 -2.77
N ALA B 85 15.32 -2.37 -1.65
CA ALA B 85 16.09 -2.30 -0.39
C ALA B 85 16.54 -3.72 0.01
N LEU B 86 15.68 -4.73 -0.10
CA LEU B 86 16.06 -6.12 0.26
C LEU B 86 17.11 -6.66 -0.68
N LEU B 87 16.99 -6.37 -1.99
CA LEU B 87 18.05 -6.74 -2.95
C LEU B 87 19.39 -6.11 -2.54
N ASP B 88 19.38 -4.82 -2.20
CA ASP B 88 20.63 -4.10 -1.82
C ASP B 88 21.20 -4.66 -0.51
N ALA B 89 20.37 -5.14 0.41
CA ALA B 89 20.77 -5.80 1.68
C ALA B 89 21.46 -7.14 1.39
N VAL B 90 20.96 -7.93 0.44
CA VAL B 90 21.62 -9.19 0.05
C VAL B 90 23.01 -8.82 -0.49
N LYS B 91 23.09 -7.82 -1.36
CA LYS B 91 24.39 -7.40 -1.95
C LYS B 91 25.33 -6.91 -0.82
N ALA B 92 24.84 -6.07 0.08
CA ALA B 92 25.68 -5.48 1.15
C ALA B 92 26.19 -6.58 2.08
N SER B 93 25.38 -7.62 2.33
CA SER B 93 25.75 -8.75 3.22
C SER B 93 26.98 -9.48 2.66
N GLU B 94 27.16 -9.44 1.33
CA GLU B 94 28.18 -10.20 0.57
C GLU B 94 28.05 -11.72 0.81
N LEU B 95 26.95 -12.16 1.38
CA LEU B 95 26.71 -13.61 1.56
C LEU B 95 26.28 -14.22 0.23
N PRO B 96 26.86 -15.36 -0.20
CA PRO B 96 26.25 -16.15 -1.27
C PRO B 96 24.82 -16.47 -0.83
N THR B 97 23.84 -16.14 -1.67
CA THR B 97 22.41 -16.23 -1.27
C THR B 97 21.65 -17.11 -2.26
N VAL B 98 20.92 -18.07 -1.70
CA VAL B 98 19.93 -18.88 -2.49
C VAL B 98 18.52 -18.40 -2.16
N GLU B 99 17.78 -18.07 -3.20
CA GLU B 99 16.37 -17.60 -3.14
C GLU B 99 15.46 -18.84 -3.24
N VAL B 100 14.55 -18.99 -2.29
CA VAL B 100 13.61 -20.14 -2.29
C VAL B 100 12.16 -19.65 -2.36
N HIS B 101 11.36 -20.31 -3.17
CA HIS B 101 9.87 -20.20 -3.23
C HIS B 101 9.33 -21.60 -3.05
N ILE B 102 8.41 -21.78 -2.10
CA ILE B 102 7.78 -23.11 -1.88
C ILE B 102 6.92 -23.44 -3.09
N SER B 103 6.09 -22.51 -3.51
CA SER B 103 5.27 -22.62 -4.75
C SER B 103 6.04 -22.08 -5.96
N ASN B 104 5.52 -22.31 -7.15
CA ASN B 104 6.14 -21.78 -8.42
C ASN B 104 5.50 -20.44 -8.75
N PRO B 105 6.16 -19.29 -8.53
CA PRO B 105 5.50 -17.99 -8.69
C PRO B 105 4.97 -17.84 -10.11
N HIS B 106 5.62 -18.52 -11.07
CA HIS B 106 5.30 -18.37 -12.52
C HIS B 106 3.98 -19.04 -12.86
N ALA B 107 3.42 -19.86 -11.97
CA ALA B 107 2.08 -20.46 -12.11
C ALA B 107 1.03 -19.54 -11.48
N ARG B 108 1.42 -18.41 -10.89
CA ARG B 108 0.51 -17.48 -10.17
C ARG B 108 0.29 -16.22 -10.99
N GLU B 109 -0.22 -15.17 -10.36
CA GLU B 109 -0.46 -13.88 -11.04
C GLU B 109 0.82 -13.34 -11.63
N GLU B 110 0.72 -12.54 -12.68
CA GLU B 110 1.91 -11.98 -13.37
C GLU B 110 2.74 -11.07 -12.48
N PHE B 111 2.16 -10.36 -11.50
CA PHE B 111 2.97 -9.43 -10.64
C PHE B 111 3.94 -10.24 -9.79
N ARG B 112 3.74 -11.57 -9.67
CA ARG B 112 4.64 -12.44 -8.88
C ARG B 112 5.77 -12.98 -9.76
N HIS B 113 5.77 -12.72 -11.07
CA HIS B 113 6.82 -13.26 -11.99
C HIS B 113 8.19 -12.59 -11.75
N HIS B 114 8.23 -11.30 -11.43
CA HIS B 114 9.47 -10.52 -11.24
C HIS B 114 10.04 -10.75 -9.85
N SER B 115 11.33 -11.01 -9.77
CA SER B 115 12.05 -11.04 -8.47
C SER B 115 13.25 -10.07 -8.52
N TYR B 116 13.28 -9.08 -7.63
CA TYR B 116 14.51 -8.30 -7.38
C TYR B 116 15.64 -9.20 -6.84
N ILE B 117 15.31 -10.14 -5.94
CA ILE B 117 16.34 -10.98 -5.26
C ILE B 117 17.09 -11.81 -6.32
N SER B 118 16.40 -12.25 -7.34
CA SER B 118 16.99 -13.13 -8.36
C SER B 118 18.16 -12.38 -9.04
N LEU B 119 18.22 -11.04 -8.97
CA LEU B 119 19.33 -10.28 -9.61
C LEU B 119 20.65 -10.48 -8.86
N ALA B 120 20.63 -10.83 -7.57
CA ALA B 120 21.84 -10.98 -6.76
C ALA B 120 21.99 -12.40 -6.26
N ALA B 121 20.94 -13.22 -6.32
CA ALA B 121 21.02 -14.60 -5.76
C ALA B 121 21.95 -15.43 -6.62
N VAL B 122 22.70 -16.33 -6.00
CA VAL B 122 23.57 -17.26 -6.79
C VAL B 122 22.65 -18.28 -7.49
N SER B 123 21.57 -18.65 -6.81
CA SER B 123 20.66 -19.71 -7.27
C SER B 123 19.23 -19.37 -6.83
N VAL B 124 18.29 -19.84 -7.64
CA VAL B 124 16.85 -19.65 -7.39
C VAL B 124 16.16 -21.01 -7.53
N ILE B 125 15.46 -21.39 -6.46
CA ILE B 125 14.68 -22.65 -6.40
C ILE B 125 13.20 -22.30 -6.14
N ALA B 126 12.32 -22.69 -7.05
CA ALA B 126 10.86 -22.41 -6.94
C ALA B 126 10.05 -23.68 -7.18
N GLY B 127 9.09 -23.94 -6.30
CA GLY B 127 8.04 -24.94 -6.61
C GLY B 127 8.44 -26.33 -6.16
N ALA B 128 9.51 -26.48 -5.38
CA ALA B 128 9.95 -27.80 -4.86
C ALA B 128 9.32 -28.04 -3.48
N GLY B 129 8.36 -27.22 -3.10
CA GLY B 129 7.80 -27.30 -1.75
C GLY B 129 8.87 -26.93 -0.76
N ILE B 130 8.75 -27.38 0.50
CA ILE B 130 9.78 -27.04 1.52
C ILE B 130 11.11 -27.72 1.20
N GLN B 131 11.15 -28.69 0.29
CA GLN B 131 12.44 -29.32 -0.10
C GLN B 131 13.35 -28.30 -0.76
N GLY B 132 12.82 -27.20 -1.32
CA GLY B 132 13.73 -26.17 -1.85
C GLY B 132 14.71 -25.68 -0.78
N TYR B 133 14.32 -25.64 0.49
CA TYR B 133 15.24 -25.18 1.56
C TYR B 133 16.38 -26.20 1.77
N ARG B 134 16.10 -27.49 1.61
CA ARG B 134 17.12 -28.57 1.68
C ARG B 134 18.14 -28.39 0.58
N PHE B 135 17.67 -28.19 -0.65
CA PHE B 135 18.56 -28.05 -1.82
C PHE B 135 19.39 -26.77 -1.67
N ALA B 136 18.77 -25.72 -1.13
CA ALA B 136 19.46 -24.42 -0.90
C ALA B 136 20.64 -24.62 0.07
N VAL B 137 20.43 -25.40 1.13
CA VAL B 137 21.52 -25.70 2.12
C VAL B 137 22.63 -26.47 1.43
N ASP B 138 22.29 -27.48 0.64
CA ASP B 138 23.26 -28.27 -0.16
C ASP B 138 24.11 -27.33 -1.05
N ILE B 139 23.47 -26.44 -1.78
CA ILE B 139 24.21 -25.47 -2.62
C ILE B 139 25.21 -24.72 -1.74
N LEU B 140 24.78 -24.15 -0.60
CA LEU B 140 25.71 -23.29 0.17
C LEU B 140 26.84 -24.13 0.79
N ALA B 141 26.54 -25.35 1.24
CA ALA B 141 27.53 -26.26 1.86
C ALA B 141 28.64 -26.52 0.86
N ASN B 142 28.27 -26.76 -0.39
CA ASN B 142 29.17 -27.21 -1.48
C ASN B 142 29.90 -26.03 -2.09
N LEU B 143 29.31 -24.83 -2.12
CA LEU B 143 30.04 -23.62 -2.59
C LEU B 143 31.19 -23.36 -1.62
N LYS B 144 30.87 -23.34 -0.31
CA LYS B 144 31.82 -23.14 0.82
C LYS B 144 32.98 -24.15 0.71
N LYS B 145 32.70 -25.43 0.47
CA LYS B 145 33.74 -26.48 0.31
C LYS B 145 34.69 -26.07 -0.83
N LEU B 146 34.17 -25.63 -1.98
CA LEU B 146 35.01 -25.10 -3.08
C LEU B 146 35.58 -23.74 -2.63
N PRO C 2 18.99 29.91 11.83
CA PRO C 2 19.00 28.97 12.94
C PRO C 2 18.06 27.79 12.73
N GLY C 3 18.24 26.72 13.52
CA GLY C 3 17.32 25.57 13.45
C GLY C 3 17.99 24.23 13.25
N LYS C 4 17.17 23.20 13.11
CA LYS C 4 17.69 21.81 13.00
C LYS C 4 17.31 21.19 11.66
N ILE C 5 18.28 20.54 11.03
CA ILE C 5 18.00 19.79 9.78
C ILE C 5 17.82 18.31 10.13
N LEU C 6 16.77 17.69 9.59
CA LEU C 6 16.63 16.21 9.77
C LEU C 6 17.42 15.53 8.65
N LEU C 7 18.42 14.74 9.03
CA LEU C 7 19.22 13.97 8.04
C LEU C 7 18.75 12.51 8.10
N LEU C 8 18.14 12.06 7.02
CA LEU C 8 17.64 10.67 6.96
C LEU C 8 18.43 9.83 5.95
N ASN C 9 18.92 8.69 6.40
CA ASN C 9 19.62 7.77 5.49
C ASN C 9 18.82 6.46 5.53
N GLY C 10 18.49 5.96 4.36
CA GLY C 10 17.60 4.79 4.31
C GLY C 10 18.31 3.47 4.39
N PRO C 11 17.62 2.38 4.01
CA PRO C 11 18.21 1.06 4.12
C PRO C 11 19.59 0.89 3.47
N ASN C 12 20.49 0.19 4.14
CA ASN C 12 21.82 -0.18 3.56
C ASN C 12 22.86 0.95 3.70
N LEU C 13 22.42 2.16 4.04
CA LEU C 13 23.41 3.28 4.11
C LEU C 13 24.37 3.08 5.28
N ASN C 14 23.96 2.30 6.27
CA ASN C 14 24.86 1.95 7.40
C ASN C 14 26.05 1.13 6.89
N MET C 15 25.92 0.51 5.72
CA MET C 15 26.98 -0.40 5.22
C MET C 15 27.92 0.34 4.25
N LEU C 16 27.78 1.66 4.15
CA LEU C 16 28.66 2.46 3.26
C LEU C 16 30.13 2.19 3.57
N GLY C 17 30.93 1.97 2.54
CA GLY C 17 32.38 1.80 2.70
C GLY C 17 32.83 0.39 2.95
N LYS C 18 31.92 -0.58 2.99
CA LYS C 18 32.32 -1.96 3.37
C LYS C 18 32.60 -2.82 2.13
N ARG C 19 31.71 -2.80 1.15
CA ARG C 19 31.86 -3.69 -0.03
C ARG C 19 32.81 -3.08 -1.06
N GLU C 20 33.83 -3.83 -1.46
CA GLU C 20 34.79 -3.40 -2.53
C GLU C 20 35.02 -1.89 -2.51
N PRO C 21 35.57 -1.32 -1.42
CA PRO C 21 35.73 0.14 -1.30
C PRO C 21 36.55 0.81 -2.40
N ASP C 22 37.50 0.10 -2.97
CA ASP C 22 38.31 0.62 -4.10
C ASP C 22 37.40 0.81 -5.33
N ILE C 23 36.24 0.17 -5.36
CA ILE C 23 35.27 0.31 -6.49
C ILE C 23 34.05 1.16 -6.08
N TYR C 24 33.46 0.90 -4.92
CA TYR C 24 32.20 1.59 -4.53
C TYR C 24 32.44 2.78 -3.60
N GLY C 25 33.60 2.85 -2.93
CA GLY C 25 33.89 3.99 -2.07
C GLY C 25 34.36 3.58 -0.68
N HIS C 26 35.15 4.43 -0.03
CA HIS C 26 35.64 4.14 1.34
C HIS C 26 34.85 4.95 2.36
N ASP C 27 34.13 5.96 1.90
CA ASP C 27 33.41 6.84 2.84
C ASP C 27 32.36 6.04 3.62
N THR C 28 32.13 6.42 4.87
CA THR C 28 31.18 5.70 5.76
C THR C 28 29.97 6.56 6.13
N LEU C 29 28.99 5.94 6.77
CA LEU C 29 27.82 6.69 7.26
C LEU C 29 28.30 7.75 8.27
N GLU C 30 29.27 7.36 9.10
CA GLU C 30 29.83 8.32 10.10
C GLU C 30 30.38 9.54 9.35
N ASP C 31 31.09 9.30 8.24
CA ASP C 31 31.66 10.40 7.44
C ASP C 31 30.54 11.30 6.90
N VAL C 32 29.44 10.69 6.46
CA VAL C 32 28.27 11.46 5.94
C VAL C 32 27.73 12.36 7.04
N VAL C 33 27.43 11.77 8.19
CA VAL C 33 26.83 12.56 9.30
C VAL C 33 27.80 13.68 9.69
N ALA C 34 29.09 13.36 9.77
CA ALA C 34 30.08 14.35 10.18
C ALA C 34 30.13 15.50 9.17
N LEU C 35 30.12 15.17 7.88
CA LEU C 35 30.22 16.21 6.83
C LEU C 35 29.00 17.12 6.86
N ALA C 36 27.80 16.55 6.96
CA ALA C 36 26.55 17.34 7.00
C ALA C 36 26.53 18.18 8.28
N THR C 37 26.92 17.56 9.40
CA THR C 37 26.93 18.28 10.70
C THR C 37 27.91 19.47 10.65
N ALA C 38 29.07 19.29 10.02
CA ALA C 38 30.07 20.38 9.90
C ALA C 38 29.54 21.53 9.03
N GLU C 39 28.87 21.20 7.93
CA GLU C 39 28.33 22.25 7.03
C GLU C 39 27.21 23.00 7.75
N ALA C 40 26.38 22.27 8.49
CA ALA C 40 25.29 22.90 9.24
C ALA C 40 25.87 23.91 10.23
N ALA C 41 26.95 23.54 10.91
CA ALA C 41 27.59 24.42 11.91
C ALA C 41 28.03 25.73 11.24
N LYS C 42 28.48 25.67 9.99
CA LYS C 42 28.93 26.87 9.25
C LYS C 42 27.76 27.84 9.10
N HIS C 43 26.52 27.35 9.14
CA HIS C 43 25.31 28.18 8.98
C HIS C 43 24.58 28.40 10.32
N GLY C 44 25.20 28.05 11.44
CA GLY C 44 24.54 28.18 12.76
C GLY C 44 23.40 27.20 12.92
N LEU C 45 23.45 26.10 12.19
CA LEU C 45 22.38 25.09 12.24
C LEU C 45 22.87 23.79 12.89
N GLU C 46 21.92 22.99 13.34
CA GLU C 46 22.25 21.67 13.90
C GLU C 46 21.71 20.57 12.99
N VAL C 47 22.21 19.35 13.16
CA VAL C 47 21.69 18.17 12.43
C VAL C 47 21.24 17.10 13.42
N GLU C 48 20.05 16.56 13.17
CA GLU C 48 19.51 15.35 13.81
C GLU C 48 19.61 14.27 12.72
N ALA C 49 20.51 13.31 12.89
CA ALA C 49 20.75 12.23 11.91
C ALA C 49 20.09 10.93 12.38
N LEU C 50 19.47 10.24 11.42
CA LEU C 50 18.87 8.92 11.67
C LEU C 50 19.14 8.10 10.43
N GLN C 51 19.60 6.87 10.64
CA GLN C 51 19.71 5.90 9.54
C GLN C 51 18.85 4.73 9.97
N SER C 52 18.12 4.15 9.03
CA SER C 52 17.29 2.98 9.39
C SER C 52 17.10 2.09 8.17
N ASN C 53 16.99 0.78 8.43
CA ASN C 53 16.61 -0.23 7.40
C ASN C 53 15.09 -0.38 7.39
N HIS C 54 14.39 0.34 8.28
CA HIS C 54 12.92 0.26 8.49
C HIS C 54 12.24 1.48 7.90
N GLU C 55 11.51 1.31 6.79
CA GLU C 55 10.75 2.45 6.20
C GLU C 55 9.94 3.17 7.29
N GLY C 56 9.26 2.41 8.15
CA GLY C 56 8.37 3.10 9.12
C GLY C 56 9.11 3.98 10.09
N GLU C 57 10.33 3.61 10.46
CA GLU C 57 11.16 4.48 11.31
C GLU C 57 11.44 5.82 10.60
N LEU C 58 11.74 5.80 9.31
CA LEU C 58 12.00 7.07 8.58
C LEU C 58 10.70 7.88 8.50
N ILE C 59 9.58 7.22 8.26
CA ILE C 59 8.28 7.91 8.20
C ILE C 59 7.99 8.52 9.58
N ASP C 60 8.10 7.74 10.66
CA ASP C 60 7.91 8.28 12.03
C ASP C 60 8.73 9.58 12.19
N ALA C 61 10.02 9.52 11.87
CA ALA C 61 10.96 10.65 12.04
C ALA C 61 10.49 11.90 11.26
N LEU C 62 10.06 11.72 10.02
CA LEU C 62 9.52 12.82 9.19
C LEU C 62 8.30 13.44 9.88
N HIS C 63 7.39 12.61 10.39
CA HIS C 63 6.17 13.10 11.06
C HIS C 63 6.57 13.89 12.30
N ASN C 64 7.51 13.34 13.09
CA ASN C 64 7.89 13.94 14.40
C ASN C 64 8.64 15.27 14.19
N ALA C 65 9.21 15.49 12.99
CA ALA C 65 10.01 16.70 12.66
C ALA C 65 9.14 17.82 12.08
N ARG C 66 7.84 17.59 11.87
CA ARG C 66 6.92 18.60 11.27
C ARG C 66 6.90 19.83 12.18
N GLY C 67 7.09 21.01 11.60
CA GLY C 67 7.11 22.25 12.38
C GLY C 67 8.30 22.46 13.31
N THR C 68 9.18 21.49 13.61
CA THR C 68 10.30 21.67 14.59
C THR C 68 11.66 21.74 13.88
N HIS C 69 11.71 21.38 12.60
CA HIS C 69 12.94 21.34 11.80
C HIS C 69 12.77 22.26 10.60
N ILE C 70 13.86 22.75 10.04
CA ILE C 70 13.84 23.70 8.89
C ILE C 70 13.79 22.93 7.57
N GLY C 71 14.10 21.65 7.57
CA GLY C 71 14.12 20.89 6.31
C GLY C 71 14.65 19.49 6.53
N CYS C 72 14.67 18.69 5.47
CA CYS C 72 15.14 17.30 5.52
C CYS C 72 16.14 17.06 4.38
N VAL C 73 17.26 16.42 4.69
CA VAL C 73 18.15 15.85 3.65
C VAL C 73 17.87 14.36 3.71
N ILE C 74 17.46 13.74 2.61
CA ILE C 74 17.20 12.26 2.62
C ILE C 74 17.96 11.58 1.50
N ASN C 75 18.61 10.46 1.84
CA ASN C 75 19.01 9.43 0.87
C ASN C 75 18.16 8.20 1.17
N PRO C 76 17.05 7.97 0.42
CA PRO C 76 16.14 6.86 0.68
C PRO C 76 16.70 5.48 0.37
N GLY C 77 17.91 5.37 -0.19
CA GLY C 77 18.40 4.07 -0.66
C GLY C 77 17.37 3.44 -1.59
N GLY C 78 17.16 2.12 -1.50
CA GLY C 78 16.32 1.41 -2.50
C GLY C 78 14.85 1.83 -2.38
N LEU C 79 14.42 2.45 -1.27
CA LEU C 79 13.03 2.95 -1.10
C LEU C 79 12.74 4.07 -2.11
N THR C 80 13.78 4.72 -2.62
CA THR C 80 13.68 5.81 -3.62
C THR C 80 12.72 5.35 -4.72
N HIS C 81 12.87 4.10 -5.19
CA HIS C 81 12.24 3.61 -6.43
C HIS C 81 10.89 2.97 -6.13
N THR C 82 10.54 2.74 -4.86
CA THR C 82 9.47 1.78 -4.51
C THR C 82 8.39 2.39 -3.59
N SER C 83 8.72 3.38 -2.78
CA SER C 83 7.85 3.76 -1.63
C SER C 83 7.00 4.99 -1.92
N VAL C 84 5.72 4.77 -2.18
CA VAL C 84 4.71 5.85 -2.18
C VAL C 84 4.56 6.36 -0.74
N ALA C 85 4.56 5.45 0.24
CA ALA C 85 4.31 5.85 1.64
C ALA C 85 5.36 6.87 2.08
N LEU C 86 6.62 6.69 1.69
CA LEU C 86 7.71 7.58 2.08
C LEU C 86 7.51 8.93 1.42
N LEU C 87 7.16 8.97 0.12
CA LEU C 87 6.81 10.24 -0.58
C LEU C 87 5.69 10.97 0.19
N ASP C 88 4.63 10.22 0.54
CA ASP C 88 3.50 10.83 1.29
C ASP C 88 3.98 11.31 2.67
N ALA C 89 4.98 10.66 3.31
CA ALA C 89 5.53 11.08 4.61
C ALA C 89 6.34 12.37 4.45
N VAL C 90 7.14 12.48 3.38
CA VAL C 90 7.80 13.78 3.02
C VAL C 90 6.75 14.87 2.90
N LYS C 91 5.66 14.63 2.17
CA LYS C 91 4.61 15.68 1.98
C LYS C 91 3.95 16.00 3.32
N ALA C 92 3.60 14.98 4.11
CA ALA C 92 2.97 15.17 5.44
C ALA C 92 3.88 15.95 6.38
N SER C 93 5.19 15.77 6.32
CA SER C 93 6.16 16.49 7.19
C SER C 93 6.16 18.00 6.85
N GLU C 94 5.82 18.35 5.62
CA GLU C 94 5.89 19.73 5.07
C GLU C 94 7.31 20.30 5.21
N LEU C 95 8.31 19.44 5.39
CA LEU C 95 9.74 19.86 5.41
C LEU C 95 10.18 20.02 3.97
N PRO C 96 10.71 21.20 3.60
CA PRO C 96 11.50 21.31 2.36
C PRO C 96 12.61 20.25 2.38
N THR C 97 12.65 19.42 1.32
CA THR C 97 13.43 18.16 1.27
C THR C 97 14.38 18.15 0.07
N VAL C 98 15.64 17.88 0.36
CA VAL C 98 16.70 17.62 -0.63
C VAL C 98 16.94 16.14 -0.64
N GLU C 99 16.83 15.56 -1.83
CA GLU C 99 17.13 14.14 -2.08
C GLU C 99 18.59 14.03 -2.51
N VAL C 100 19.32 13.13 -1.88
CA VAL C 100 20.77 12.89 -2.10
C VAL C 100 20.97 11.43 -2.48
N HIS C 101 21.70 11.20 -3.56
CA HIS C 101 22.31 9.89 -3.88
C HIS C 101 23.83 10.07 -3.99
N ILE C 102 24.58 9.18 -3.36
CA ILE C 102 26.07 9.19 -3.43
C ILE C 102 26.52 8.91 -4.86
N SER C 103 26.03 7.82 -5.42
CA SER C 103 26.29 7.44 -6.82
C SER C 103 25.20 8.02 -7.72
N ASN C 104 25.43 7.95 -9.02
CA ASN C 104 24.50 8.47 -10.05
C ASN C 104 23.58 7.32 -10.43
N PRO C 105 22.28 7.32 -10.03
CA PRO C 105 21.41 6.15 -10.25
C PRO C 105 21.16 5.92 -11.76
N HIS C 106 21.40 6.95 -12.59
CA HIS C 106 21.06 6.94 -14.04
C HIS C 106 22.12 6.12 -14.78
N ALA C 107 23.30 5.95 -14.18
CA ALA C 107 24.40 5.09 -14.68
C ALA C 107 24.18 3.65 -14.24
N ARG C 108 23.09 3.34 -13.53
CA ARG C 108 22.87 1.97 -12.97
C ARG C 108 21.66 1.32 -13.67
N GLU C 109 21.12 0.23 -13.12
CA GLU C 109 19.98 -0.50 -13.73
C GLU C 109 18.78 0.41 -13.91
N GLU C 110 17.96 0.10 -14.92
CA GLU C 110 16.77 0.86 -15.32
C GLU C 110 15.82 1.08 -14.13
N PHE C 111 15.58 0.06 -13.28
CA PHE C 111 14.65 0.21 -12.14
C PHE C 111 15.12 1.32 -11.16
N ARG C 112 16.38 1.74 -11.22
CA ARG C 112 16.90 2.76 -10.26
C ARG C 112 16.68 4.17 -10.84
N HIS C 113 16.16 4.28 -12.07
CA HIS C 113 15.98 5.59 -12.78
C HIS C 113 14.73 6.34 -12.34
N HIS C 114 13.79 5.72 -11.62
CA HIS C 114 12.55 6.36 -11.13
C HIS C 114 12.72 6.67 -9.65
N SER C 115 12.32 7.86 -9.22
CA SER C 115 12.33 8.24 -7.78
C SER C 115 10.96 8.85 -7.45
N TYR C 116 10.27 8.24 -6.50
CA TYR C 116 9.07 8.87 -5.92
C TYR C 116 9.44 10.17 -5.21
N ILE C 117 10.58 10.20 -4.54
CA ILE C 117 10.95 11.35 -3.68
C ILE C 117 11.21 12.57 -4.56
N SER C 118 11.69 12.37 -5.79
CA SER C 118 12.01 13.49 -6.70
C SER C 118 10.75 14.29 -7.00
N LEU C 119 9.58 13.68 -6.90
CA LEU C 119 8.32 14.38 -7.26
C LEU C 119 8.04 15.50 -6.25
N ALA C 120 8.41 15.32 -4.98
CA ALA C 120 8.19 16.29 -3.86
C ALA C 120 9.46 17.08 -3.46
N ALA C 121 10.66 16.59 -3.81
CA ALA C 121 11.91 17.22 -3.32
C ALA C 121 12.06 18.61 -3.95
N VAL C 122 12.56 19.57 -3.19
CA VAL C 122 12.88 20.90 -3.80
C VAL C 122 14.11 20.70 -4.70
N SER C 123 15.05 19.87 -4.25
CA SER C 123 16.30 19.62 -5.03
C SER C 123 16.67 18.14 -5.00
N VAL C 124 17.34 17.69 -6.06
CA VAL C 124 17.91 16.32 -6.13
C VAL C 124 19.39 16.40 -6.53
N ILE C 125 20.26 15.82 -5.71
CA ILE C 125 21.71 15.77 -5.97
C ILE C 125 22.11 14.30 -6.10
N ALA C 126 22.70 13.93 -7.22
CA ALA C 126 23.18 12.56 -7.43
C ALA C 126 24.64 12.58 -7.91
N GLY C 127 25.43 11.63 -7.40
CA GLY C 127 26.76 11.32 -7.97
C GLY C 127 27.85 12.26 -7.49
N ALA C 128 27.62 13.13 -6.49
CA ALA C 128 28.68 14.01 -5.93
C ALA C 128 29.40 13.33 -4.77
N GLY C 129 29.28 12.01 -4.65
CA GLY C 129 29.75 11.28 -3.48
C GLY C 129 29.07 11.78 -2.24
N ILE C 130 29.72 11.66 -1.07
CA ILE C 130 29.15 12.24 0.18
C ILE C 130 29.13 13.77 0.15
N GLN C 131 29.76 14.42 -0.82
CA GLN C 131 29.68 15.90 -0.91
C GLN C 131 28.23 16.32 -1.20
N GLY C 132 27.42 15.45 -1.82
CA GLY C 132 26.00 15.76 -2.04
C GLY C 132 25.33 16.23 -0.74
N TYR C 133 25.70 15.64 0.39
CA TYR C 133 25.03 15.96 1.67
C TYR C 133 25.41 17.36 2.13
N ARG C 134 26.63 17.77 1.82
CA ARG C 134 27.18 19.13 2.12
C ARG C 134 26.40 20.15 1.30
N PHE C 135 26.26 19.97 0.00
CA PHE C 135 25.45 20.87 -0.86
C PHE C 135 23.99 20.86 -0.39
N ALA C 136 23.42 19.71 0.01
CA ALA C 136 22.02 19.69 0.48
C ALA C 136 21.87 20.62 1.70
N VAL C 137 22.79 20.56 2.64
CA VAL C 137 22.69 21.41 3.88
C VAL C 137 22.77 22.89 3.46
N ASP C 138 23.65 23.19 2.51
CA ASP C 138 23.80 24.56 1.95
C ASP C 138 22.45 25.03 1.37
N ILE C 139 21.77 24.20 0.57
CA ILE C 139 20.43 24.53 -0.03
C ILE C 139 19.44 24.84 1.08
N LEU C 140 19.31 23.96 2.08
CA LEU C 140 18.31 24.18 3.15
C LEU C 140 18.66 25.43 3.95
N ALA C 141 19.93 25.69 4.23
CA ALA C 141 20.39 26.88 4.98
C ALA C 141 19.89 28.16 4.28
N ASN C 142 19.88 28.17 2.96
CA ASN C 142 19.70 29.41 2.16
C ASN C 142 18.27 29.54 1.62
N LEU C 143 17.42 28.53 1.77
CA LEU C 143 16.03 28.55 1.24
C LEU C 143 15.24 29.63 1.98
N LYS C 144 14.45 30.37 1.23
CA LYS C 144 13.59 31.40 1.83
C LYS C 144 12.12 30.98 1.65
N LYS C 145 11.27 31.38 2.58
CA LYS C 145 9.81 31.09 2.48
C LYS C 145 9.24 31.59 1.16
N LEU C 146 8.50 30.73 0.45
CA LEU C 146 7.82 31.08 -0.83
C LEU C 146 8.79 31.23 -2.03
N GLU C 147 10.01 30.71 -1.93
CA GLU C 147 10.94 30.72 -3.12
C GLU C 147 10.36 29.77 -4.18
N HIS C 148 10.47 30.13 -5.48
CA HIS C 148 9.98 29.37 -6.65
C HIS C 148 8.50 28.98 -6.44
N PRO D 2 -38.02 17.14 -2.29
CA PRO D 2 -37.83 18.30 -3.19
C PRO D 2 -36.48 18.21 -3.93
N GLY D 3 -35.34 18.22 -3.21
CA GLY D 3 -34.03 17.82 -3.75
C GLY D 3 -34.16 16.52 -4.54
N LYS D 4 -33.59 16.44 -5.75
CA LYS D 4 -33.74 15.24 -6.60
C LYS D 4 -32.37 14.63 -6.91
N ILE D 5 -32.23 13.31 -6.82
CA ILE D 5 -30.98 12.58 -7.19
C ILE D 5 -31.26 11.90 -8.52
N LEU D 6 -30.36 12.04 -9.49
CA LEU D 6 -30.46 11.27 -10.74
C LEU D 6 -29.75 9.93 -10.53
N LEU D 7 -30.49 8.83 -10.63
CA LEU D 7 -29.95 7.45 -10.52
C LEU D 7 -29.87 6.93 -11.95
N LEU D 8 -28.63 6.71 -12.43
CA LEU D 8 -28.41 6.16 -13.78
C LEU D 8 -27.77 4.77 -13.68
N ASN D 9 -28.33 3.83 -14.41
CA ASN D 9 -27.76 2.48 -14.61
C ASN D 9 -27.55 2.30 -16.10
N GLY D 10 -26.33 1.89 -16.46
CA GLY D 10 -25.95 1.77 -17.88
C GLY D 10 -26.26 0.38 -18.42
N PRO D 11 -25.63 0.03 -19.55
CA PRO D 11 -25.95 -1.24 -20.20
C PRO D 11 -25.90 -2.53 -19.37
N ASN D 12 -26.86 -3.44 -19.64
CA ASN D 12 -26.91 -4.78 -19.01
C ASN D 12 -27.45 -4.75 -17.59
N LEU D 13 -27.55 -3.57 -16.99
CA LEU D 13 -27.98 -3.55 -15.56
C LEU D 13 -29.45 -4.02 -15.44
N ASN D 14 -30.23 -3.87 -16.51
CA ASN D 14 -31.63 -4.36 -16.53
C ASN D 14 -31.66 -5.88 -16.35
N MET D 15 -30.53 -6.55 -16.59
CA MET D 15 -30.47 -8.03 -16.54
C MET D 15 -30.02 -8.55 -15.17
N LEU D 16 -29.85 -7.65 -14.19
CA LEU D 16 -29.51 -8.06 -12.79
C LEU D 16 -30.51 -9.11 -12.30
N GLY D 17 -30.00 -10.11 -11.59
CA GLY D 17 -30.81 -11.23 -11.07
C GLY D 17 -30.74 -12.39 -12.04
N LYS D 18 -30.54 -12.12 -13.34
CA LYS D 18 -30.38 -13.14 -14.41
C LYS D 18 -28.90 -13.20 -14.85
N ARG D 19 -28.25 -12.03 -15.03
CA ARG D 19 -26.88 -11.90 -15.64
C ARG D 19 -25.85 -12.44 -14.64
N GLU D 20 -25.05 -13.43 -15.08
CA GLU D 20 -23.87 -13.97 -14.37
C GLU D 20 -23.99 -13.81 -12.85
N PRO D 21 -24.94 -14.53 -12.21
CA PRO D 21 -25.24 -14.33 -10.78
C PRO D 21 -24.04 -14.50 -9.83
N ASP D 22 -23.08 -15.37 -10.18
CA ASP D 22 -21.84 -15.63 -9.39
C ASP D 22 -20.95 -14.36 -9.33
N ILE D 23 -21.10 -13.43 -10.29
CA ILE D 23 -20.39 -12.12 -10.31
C ILE D 23 -21.29 -11.00 -9.75
N TYR D 24 -22.55 -10.90 -10.22
CA TYR D 24 -23.45 -9.72 -9.96
C TYR D 24 -24.48 -10.00 -8.86
N GLY D 25 -24.65 -11.26 -8.40
CA GLY D 25 -25.66 -11.65 -7.38
C GLY D 25 -27.08 -11.79 -7.93
N HIS D 26 -28.07 -11.94 -7.01
CA HIS D 26 -29.49 -12.32 -7.26
C HIS D 26 -30.46 -11.13 -7.08
N ASP D 27 -29.94 -9.97 -6.70
CA ASP D 27 -30.69 -8.71 -6.64
C ASP D 27 -31.04 -8.26 -8.07
N THR D 28 -32.12 -7.50 -8.21
CA THR D 28 -32.60 -7.01 -9.52
C THR D 28 -32.37 -5.52 -9.62
N LEU D 29 -32.58 -4.96 -10.81
CA LEU D 29 -32.57 -3.49 -11.03
C LEU D 29 -33.69 -2.89 -10.16
N GLU D 30 -34.82 -3.58 -10.05
CA GLU D 30 -35.95 -3.11 -9.19
C GLU D 30 -35.45 -3.00 -7.75
N ASP D 31 -34.67 -3.98 -7.26
CA ASP D 31 -34.11 -3.91 -5.88
C ASP D 31 -33.21 -2.68 -5.72
N VAL D 32 -32.40 -2.40 -6.75
CA VAL D 32 -31.47 -1.25 -6.75
C VAL D 32 -32.25 0.05 -6.60
N VAL D 33 -33.22 0.26 -7.48
CA VAL D 33 -34.00 1.53 -7.51
C VAL D 33 -34.76 1.66 -6.20
N ALA D 34 -35.36 0.57 -5.72
CA ALA D 34 -36.09 0.52 -4.43
C ALA D 34 -35.20 0.98 -3.29
N LEU D 35 -33.96 0.47 -3.22
CA LEU D 35 -33.03 0.76 -2.09
C LEU D 35 -32.60 2.22 -2.12
N ALA D 36 -32.20 2.70 -3.28
CA ALA D 36 -31.80 4.12 -3.51
C ALA D 36 -32.95 5.06 -3.16
N THR D 37 -34.15 4.74 -3.68
CA THR D 37 -35.38 5.54 -3.44
C THR D 37 -35.66 5.60 -1.93
N ALA D 38 -35.67 4.47 -1.23
CA ALA D 38 -35.96 4.41 0.23
C ALA D 38 -34.89 5.20 1.00
N GLU D 39 -33.60 5.09 0.61
CA GLU D 39 -32.54 5.83 1.33
C GLU D 39 -32.73 7.32 1.13
N ALA D 40 -33.06 7.75 -0.08
CA ALA D 40 -33.21 9.18 -0.39
C ALA D 40 -34.33 9.74 0.46
N ALA D 41 -35.43 8.99 0.60
CA ALA D 41 -36.62 9.44 1.38
C ALA D 41 -36.21 9.74 2.83
N LYS D 42 -35.25 9.00 3.41
CA LYS D 42 -34.83 9.21 4.81
C LYS D 42 -34.20 10.61 4.94
N HIS D 43 -33.67 11.12 3.83
CA HIS D 43 -33.07 12.49 3.72
C HIS D 43 -34.06 13.50 3.15
N GLY D 44 -35.34 13.14 2.99
CA GLY D 44 -36.32 14.03 2.35
C GLY D 44 -36.03 14.28 0.89
N LEU D 45 -35.38 13.36 0.19
CA LEU D 45 -35.04 13.55 -1.23
C LEU D 45 -35.85 12.57 -2.08
N GLU D 46 -35.93 12.91 -3.35
CA GLU D 46 -36.59 12.08 -4.37
C GLU D 46 -35.49 11.49 -5.27
N VAL D 47 -35.84 10.41 -5.94
CA VAL D 47 -34.95 9.76 -6.94
C VAL D 47 -35.65 9.76 -8.29
N GLU D 48 -34.97 10.25 -9.32
CA GLU D 48 -35.35 10.02 -10.73
C GLU D 48 -34.40 8.95 -11.30
N ALA D 49 -34.90 7.73 -11.52
CA ALA D 49 -34.12 6.57 -11.99
C ALA D 49 -34.29 6.38 -13.51
N LEU D 50 -33.18 6.12 -14.21
CA LEU D 50 -33.19 5.66 -15.61
C LEU D 50 -32.17 4.53 -15.74
N GLN D 51 -32.51 3.48 -16.49
CA GLN D 51 -31.54 2.47 -16.94
C GLN D 51 -31.65 2.44 -18.46
N SER D 52 -30.52 2.34 -19.15
CA SER D 52 -30.57 2.27 -20.63
C SER D 52 -29.37 1.50 -21.13
N ASN D 53 -29.58 0.79 -22.24
CA ASN D 53 -28.51 0.11 -22.98
C ASN D 53 -27.95 1.06 -24.03
N HIS D 54 -28.46 2.29 -24.08
CA HIS D 54 -28.10 3.35 -25.07
C HIS D 54 -27.30 4.46 -24.37
N GLU D 55 -26.01 4.56 -24.69
CA GLU D 55 -25.15 5.60 -24.07
C GLU D 55 -25.81 6.99 -24.19
N GLY D 56 -26.34 7.32 -25.38
CA GLY D 56 -26.94 8.65 -25.71
C GLY D 56 -28.11 8.99 -24.78
N GLU D 57 -28.84 7.99 -24.31
CA GLU D 57 -30.00 8.20 -23.41
C GLU D 57 -29.49 8.63 -22.02
N LEU D 58 -28.40 8.00 -21.53
CA LEU D 58 -27.72 8.40 -20.27
C LEU D 58 -27.15 9.82 -20.40
N ILE D 59 -26.50 10.13 -21.50
CA ILE D 59 -25.93 11.48 -21.72
C ILE D 59 -27.07 12.51 -21.74
N ASP D 60 -28.14 12.26 -22.51
CA ASP D 60 -29.31 13.19 -22.49
C ASP D 60 -29.77 13.40 -21.05
N ALA D 61 -29.88 12.34 -20.25
CA ALA D 61 -30.41 12.40 -18.87
C ALA D 61 -29.53 13.29 -18.01
N LEU D 62 -28.19 13.14 -18.13
CA LEU D 62 -27.24 14.00 -17.42
C LEU D 62 -27.45 15.46 -17.83
N HIS D 63 -27.58 15.76 -19.12
CA HIS D 63 -27.70 17.18 -19.55
C HIS D 63 -29.01 17.77 -18.98
N ASN D 64 -30.08 16.99 -19.05
CA ASN D 64 -31.46 17.40 -18.68
C ASN D 64 -31.51 17.60 -17.17
N ALA D 65 -30.61 17.02 -16.38
CA ALA D 65 -30.65 17.13 -14.90
C ALA D 65 -29.80 18.29 -14.41
N ARG D 66 -29.12 18.99 -15.32
CA ARG D 66 -28.20 20.09 -14.96
C ARG D 66 -29.00 21.19 -14.24
N GLY D 67 -28.55 21.60 -13.07
CA GLY D 67 -29.15 22.73 -12.34
C GLY D 67 -30.44 22.36 -11.63
N THR D 68 -31.08 21.23 -11.94
CA THR D 68 -32.37 20.81 -11.31
C THR D 68 -32.15 19.71 -10.24
N HIS D 69 -31.01 19.01 -10.23
CA HIS D 69 -30.77 17.84 -9.36
C HIS D 69 -29.60 18.14 -8.44
N ILE D 70 -29.51 17.49 -7.26
CA ILE D 70 -28.44 17.73 -6.27
C ILE D 70 -27.20 16.87 -6.57
N GLY D 71 -27.34 15.86 -7.44
CA GLY D 71 -26.23 14.92 -7.70
C GLY D 71 -26.69 13.74 -8.52
N CYS D 72 -25.72 12.94 -8.92
CA CYS D 72 -25.99 11.76 -9.75
C CYS D 72 -25.34 10.55 -9.07
N VAL D 73 -26.09 9.44 -8.94
CA VAL D 73 -25.48 8.11 -8.66
C VAL D 73 -25.45 7.38 -10.01
N ILE D 74 -24.29 6.92 -10.45
CA ILE D 74 -24.22 6.22 -11.76
C ILE D 74 -23.47 4.89 -11.62
N ASN D 75 -24.06 3.84 -12.19
CA ASN D 75 -23.35 2.61 -12.52
C ASN D 75 -23.30 2.55 -14.05
N PRO D 76 -22.17 2.93 -14.70
CA PRO D 76 -22.10 3.00 -16.15
C PRO D 76 -22.02 1.64 -16.84
N GLY D 77 -21.93 0.54 -16.08
CA GLY D 77 -21.67 -0.77 -16.67
C GLY D 77 -20.40 -0.78 -17.51
N GLY D 78 -20.39 -1.51 -18.61
CA GLY D 78 -19.22 -1.63 -19.50
C GLY D 78 -18.77 -0.26 -20.02
N LEU D 79 -19.65 0.73 -20.07
CA LEU D 79 -19.23 2.07 -20.57
C LEU D 79 -18.17 2.70 -19.63
N THR D 80 -18.10 2.25 -18.38
CA THR D 80 -17.13 2.74 -17.37
C THR D 80 -15.73 2.79 -17.98
N HIS D 81 -15.40 1.78 -18.77
CA HIS D 81 -13.99 1.56 -19.23
C HIS D 81 -13.74 2.22 -20.58
N THR D 82 -14.78 2.68 -21.26
CA THR D 82 -14.73 2.89 -22.73
C THR D 82 -15.18 4.29 -23.14
N SER D 83 -16.06 4.94 -22.39
CA SER D 83 -16.78 6.13 -22.90
C SER D 83 -16.18 7.44 -22.36
N VAL D 84 -15.45 8.15 -23.21
CA VAL D 84 -15.06 9.56 -22.91
C VAL D 84 -16.31 10.44 -22.99
N ALA D 85 -17.21 10.18 -23.95
CA ALA D 85 -18.46 10.95 -24.15
C ALA D 85 -19.27 10.98 -22.84
N LEU D 86 -19.38 9.83 -22.16
CA LEU D 86 -20.13 9.79 -20.88
C LEU D 86 -19.39 10.59 -19.81
N LEU D 87 -18.05 10.47 -19.70
CA LEU D 87 -17.29 11.29 -18.72
C LEU D 87 -17.61 12.77 -18.96
N ASP D 88 -17.53 13.19 -20.22
CA ASP D 88 -17.76 14.60 -20.62
C ASP D 88 -19.20 15.01 -20.31
N ALA D 89 -20.17 14.08 -20.35
CA ALA D 89 -21.59 14.34 -20.04
C ALA D 89 -21.71 14.56 -18.53
N VAL D 90 -21.00 13.77 -17.74
CA VAL D 90 -20.97 13.96 -16.25
C VAL D 90 -20.41 15.34 -15.97
N LYS D 91 -19.31 15.74 -16.63
CA LYS D 91 -18.71 17.08 -16.38
C LYS D 91 -19.68 18.18 -16.87
N ALA D 92 -20.31 18.02 -18.05
CA ALA D 92 -21.25 19.04 -18.57
C ALA D 92 -22.41 19.21 -17.57
N SER D 93 -22.85 18.12 -16.93
CA SER D 93 -24.01 18.13 -15.98
C SER D 93 -23.73 19.01 -14.75
N GLU D 94 -22.45 19.14 -14.35
CA GLU D 94 -21.99 19.80 -13.12
C GLU D 94 -22.64 19.16 -11.88
N LEU D 95 -23.18 17.95 -11.99
CA LEU D 95 -23.71 17.23 -10.82
C LEU D 95 -22.55 16.55 -10.09
N PRO D 96 -22.46 16.73 -8.75
CA PRO D 96 -21.65 15.85 -7.90
C PRO D 96 -22.12 14.43 -8.22
N THR D 97 -21.17 13.59 -8.55
CA THR D 97 -21.44 12.21 -9.07
C THR D 97 -20.72 11.17 -8.24
N VAL D 98 -21.46 10.17 -7.77
CA VAL D 98 -20.89 8.98 -7.10
C VAL D 98 -21.02 7.83 -8.07
N GLU D 99 -19.90 7.17 -8.36
CA GLU D 99 -19.82 6.01 -9.25
C GLU D 99 -20.02 4.75 -8.41
N VAL D 100 -20.88 3.85 -8.88
CA VAL D 100 -21.20 2.60 -8.14
C VAL D 100 -20.99 1.43 -9.07
N HIS D 101 -20.36 0.40 -8.53
CA HIS D 101 -20.22 -0.91 -9.19
C HIS D 101 -20.67 -1.96 -8.19
N ILE D 102 -21.49 -2.88 -8.66
CA ILE D 102 -22.00 -4.00 -7.81
C ILE D 102 -20.82 -4.93 -7.53
N SER D 103 -20.13 -5.33 -8.59
CA SER D 103 -18.91 -6.16 -8.58
C SER D 103 -17.71 -5.27 -8.25
N ASN D 104 -16.60 -5.90 -7.89
CA ASN D 104 -15.30 -5.22 -7.68
C ASN D 104 -14.51 -5.30 -8.99
N PRO D 105 -14.49 -4.26 -9.84
CA PRO D 105 -13.86 -4.38 -11.17
C PRO D 105 -12.34 -4.65 -11.09
N HIS D 106 -11.71 -4.17 -10.01
CA HIS D 106 -10.24 -4.32 -9.84
C HIS D 106 -9.88 -5.75 -9.43
N ALA D 107 -10.85 -6.62 -9.25
CA ALA D 107 -10.68 -8.07 -8.97
C ALA D 107 -11.03 -8.89 -10.23
N ARG D 108 -11.28 -8.22 -11.34
CA ARG D 108 -11.77 -8.86 -12.58
C ARG D 108 -10.76 -8.63 -13.71
N GLU D 109 -11.16 -8.77 -14.97
CA GLU D 109 -10.24 -8.63 -16.10
C GLU D 109 -9.54 -7.27 -16.06
N GLU D 110 -8.30 -7.24 -16.55
CA GLU D 110 -7.49 -6.01 -16.63
C GLU D 110 -8.26 -4.89 -17.35
N PHE D 111 -9.10 -5.18 -18.34
CA PHE D 111 -9.71 -4.08 -19.13
C PHE D 111 -10.78 -3.33 -18.30
N ARG D 112 -11.20 -3.92 -17.17
CA ARG D 112 -12.17 -3.33 -16.22
C ARG D 112 -11.46 -2.47 -15.16
N HIS D 113 -10.13 -2.38 -15.20
CA HIS D 113 -9.35 -1.70 -14.15
C HIS D 113 -9.43 -0.19 -14.35
N HIS D 114 -9.69 0.28 -15.57
CA HIS D 114 -9.68 1.73 -15.87
C HIS D 114 -11.10 2.29 -15.88
N SER D 115 -11.34 3.45 -15.27
CA SER D 115 -12.70 4.06 -15.28
C SER D 115 -12.54 5.50 -15.70
N TYR D 116 -13.15 5.90 -16.82
CA TYR D 116 -13.18 7.33 -17.20
C TYR D 116 -14.00 8.10 -16.16
N ILE D 117 -15.07 7.52 -15.65
CA ILE D 117 -16.01 8.20 -14.72
C ILE D 117 -15.26 8.53 -13.41
N SER D 118 -14.35 7.68 -12.94
CA SER D 118 -13.63 7.92 -11.66
C SER D 118 -12.83 9.24 -11.73
N LEU D 119 -12.52 9.73 -12.93
CA LEU D 119 -11.77 11.01 -13.09
C LEU D 119 -12.59 12.22 -12.64
N ALA D 120 -13.92 12.14 -12.76
CA ALA D 120 -14.87 13.22 -12.38
C ALA D 120 -15.65 12.88 -11.11
N ALA D 121 -15.80 11.61 -10.74
CA ALA D 121 -16.64 11.20 -9.59
C ALA D 121 -16.04 11.76 -8.28
N VAL D 122 -16.87 12.23 -7.36
CA VAL D 122 -16.40 12.65 -6.02
C VAL D 122 -16.06 11.38 -5.25
N SER D 123 -16.76 10.29 -5.53
CA SER D 123 -16.61 9.03 -4.78
C SER D 123 -16.89 7.85 -5.71
N VAL D 124 -16.26 6.73 -5.38
CA VAL D 124 -16.41 5.44 -6.11
C VAL D 124 -16.58 4.36 -5.07
N ILE D 125 -17.62 3.55 -5.25
CA ILE D 125 -17.96 2.41 -4.37
C ILE D 125 -18.04 1.20 -5.28
N ALA D 126 -17.34 0.15 -4.94
CA ALA D 126 -17.35 -1.10 -5.71
C ALA D 126 -17.43 -2.30 -4.76
N GLY D 127 -18.16 -3.31 -5.19
CA GLY D 127 -18.18 -4.63 -4.55
C GLY D 127 -19.12 -4.72 -3.38
N ALA D 128 -19.92 -3.69 -3.08
CA ALA D 128 -20.82 -3.73 -1.91
C ALA D 128 -22.20 -4.27 -2.32
N GLY D 129 -22.29 -5.04 -3.40
CA GLY D 129 -23.58 -5.41 -4.01
C GLY D 129 -24.43 -4.17 -4.29
N ILE D 130 -25.75 -4.28 -4.13
CA ILE D 130 -26.68 -3.14 -4.33
C ILE D 130 -26.55 -2.14 -3.18
N GLN D 131 -25.89 -2.51 -2.06
CA GLN D 131 -25.77 -1.57 -0.93
C GLN D 131 -24.93 -0.34 -1.32
N GLY D 132 -24.01 -0.45 -2.30
CA GLY D 132 -23.27 0.71 -2.83
C GLY D 132 -24.16 1.86 -3.24
N TYR D 133 -25.35 1.56 -3.78
CA TYR D 133 -26.30 2.60 -4.19
C TYR D 133 -26.88 3.32 -2.99
N ARG D 134 -27.10 2.64 -1.88
CA ARG D 134 -27.56 3.26 -0.62
C ARG D 134 -26.50 4.19 -0.06
N PHE D 135 -25.25 3.74 0.01
CA PHE D 135 -24.13 4.59 0.48
C PHE D 135 -23.96 5.78 -0.46
N ALA D 136 -24.17 5.60 -1.77
CA ALA D 136 -24.01 6.71 -2.73
C ALA D 136 -25.06 7.80 -2.46
N VAL D 137 -26.30 7.42 -2.19
CA VAL D 137 -27.35 8.43 -1.84
C VAL D 137 -26.92 9.17 -0.55
N ASP D 138 -26.45 8.44 0.45
CA ASP D 138 -25.96 8.99 1.73
C ASP D 138 -24.90 10.06 1.46
N ILE D 139 -23.94 9.73 0.61
CA ILE D 139 -22.89 10.72 0.25
C ILE D 139 -23.56 11.98 -0.32
N LEU D 140 -24.41 11.83 -1.30
CA LEU D 140 -24.98 13.00 -2.04
C LEU D 140 -25.84 13.81 -1.07
N ALA D 141 -26.62 13.13 -0.23
CA ALA D 141 -27.52 13.81 0.74
C ALA D 141 -26.68 14.72 1.65
N ASN D 142 -25.54 14.21 2.11
CA ASN D 142 -24.70 14.89 3.13
C ASN D 142 -23.77 15.89 2.45
N LEU D 143 -23.43 15.74 1.18
CA LEU D 143 -22.63 16.81 0.53
C LEU D 143 -23.55 18.02 0.40
N LYS D 144 -24.77 17.79 -0.09
CA LYS D 144 -25.75 18.87 -0.28
C LYS D 144 -26.01 19.54 1.06
N LYS D 145 -26.13 18.74 2.13
CA LYS D 145 -26.48 19.33 3.44
C LYS D 145 -25.40 20.32 3.89
N LEU D 146 -24.17 20.13 3.43
CA LEU D 146 -23.05 21.02 3.80
C LEU D 146 -22.98 22.16 2.80
CAC FLC E . -3.43 7.93 1.81
CA FLC E . -3.84 7.73 0.36
CB FLC E . -5.16 6.98 0.13
CBC FLC E . -6.35 7.76 0.75
CG FLC E . -5.39 6.88 -1.38
CGC FLC E . -4.43 5.99 -2.15
OA1 FLC E . -2.26 8.28 2.03
OA2 FLC E . -4.25 7.70 2.70
OB1 FLC E . -6.96 7.23 1.70
OB2 FLC E . -6.64 8.87 0.27
OG1 FLC E . -3.24 6.31 -2.21
OG2 FLC E . -4.90 4.97 -2.67
OHB FLC E . -5.08 5.69 0.69
CAC FLC F . 5.96 -16.37 -1.51
CA FLC F . 5.64 -17.32 -0.38
CB FLC F . 5.09 -18.67 -0.82
CBC FLC F . 6.23 -19.43 -1.54
CG FLC F . 4.63 -19.51 0.36
CGC FLC F . 3.74 -20.67 -0.04
OA1 FLC F . 6.88 -16.68 -2.30
OA2 FLC F . 5.30 -15.32 -1.60
OB1 FLC F . 7.21 -19.73 -0.86
OB2 FLC F . 6.07 -19.69 -2.75
OG1 FLC F . 4.07 -21.33 -1.04
OG2 FLC F . 2.69 -20.89 0.61
OHB FLC F . 3.99 -18.48 -1.69
O1 PG4 G . 22.76 -6.14 16.74
C1 PG4 G . 22.11 -4.99 16.23
C2 PG4 G . 20.72 -5.27 15.75
O2 PG4 G . 20.33 -4.27 14.83
C3 PG4 G . 21.17 -4.25 13.68
C4 PG4 G . 20.82 -3.08 12.80
O3 PG4 G . 21.65 -3.15 11.64
C5 PG4 G . 23.04 -3.07 11.95
C6 PG4 G . 23.81 -3.97 11.04
O4 PG4 G . 25.19 -3.65 11.12
C7 PG4 G . 25.46 -2.35 10.59
C8 PG4 G . 26.88 -1.99 10.84
O5 PG4 G . 27.17 -0.69 10.37
CAC FLC H . 21.04 4.43 -3.15
CA FLC H . 22.21 4.27 -2.21
CB FLC H . 23.57 4.52 -2.87
CBC FLC H . 23.61 6.00 -3.34
CG FLC H . 24.71 4.29 -1.88
CGC FLC H . 26.09 4.12 -2.50
OA1 FLC H . 20.83 5.56 -3.63
OA2 FLC H . 20.35 3.44 -3.42
OB1 FLC H . 23.80 6.21 -4.54
OB2 FLC H . 23.46 6.87 -2.47
OG1 FLC H . 26.72 3.08 -2.26
OG2 FLC H . 26.52 5.02 -3.24
OHB FLC H . 23.72 3.64 -3.97
CAC FLC I . -21.59 -3.96 -15.01
CA FLC I . -20.13 -3.68 -14.68
CB FLC I . -19.84 -2.86 -13.43
CBC FLC I . -20.62 -3.40 -12.20
CG FLC I . -18.34 -3.00 -13.10
CGC FLC I . -17.37 -2.57 -14.18
OA1 FLC I . -21.84 -4.47 -16.12
OA2 FLC I . -22.45 -3.69 -14.17
OB1 FLC I . -20.33 -4.53 -11.77
OB2 FLC I . -21.49 -2.68 -11.69
OG1 FLC I . -16.69 -1.57 -13.95
OG2 FLC I . -17.29 -3.25 -15.22
OHB FLC I . -20.16 -1.50 -13.65
#